data_1Q7S
#
_entry.id   1Q7S
#
_cell.length_a   61.861
_cell.length_b   61.861
_cell.length_c   178.135
_cell.angle_alpha   90.00
_cell.angle_beta   90.00
_cell.angle_gamma   90.00
#
_symmetry.space_group_name_H-M   'P 43 21 2'
#
loop_
_entity.id
_entity.type
_entity.pdbx_description
1 polymer bit1
2 water water
#
_entity_poly.entity_id   1
_entity_poly.type   'polypeptide(L)'
_entity_poly.pdbx_seq_one_letter_code
;GEYKMILVVRNDLKMGKGKVAAQCSHAAVSAYKQIQRRNPEMLKQWEYCGQPKVVVKAPDEETLIALLAHAKMLGLTVSL
IQDAGRTQIAPGSQTVLGIGPGPADLIDKVTGHLKLY
;
_entity_poly.pdbx_strand_id   A,B
#
# COMPACT_ATOMS: atom_id res chain seq x y z
N GLY A 1 20.71 4.43 11.56
CA GLY A 1 19.98 3.22 12.08
C GLY A 1 18.92 2.71 11.12
N GLU A 2 18.22 1.65 11.52
CA GLU A 2 17.16 1.07 10.69
C GLU A 2 15.82 1.77 10.89
N TYR A 3 15.13 2.00 9.78
CA TYR A 3 13.83 2.64 9.80
C TYR A 3 12.83 1.77 9.05
N LYS A 4 11.60 1.72 9.54
CA LYS A 4 10.59 0.90 8.88
C LYS A 4 9.18 1.38 9.17
N MET A 5 8.23 0.73 8.51
CA MET A 5 6.82 1.04 8.66
C MET A 5 6.10 -0.26 8.95
N ILE A 6 5.23 -0.25 9.95
CA ILE A 6 4.45 -1.43 10.29
C ILE A 6 2.98 -1.17 9.96
N LEU A 7 2.33 -2.15 9.33
CA LEU A 7 0.93 -2.04 8.96
C LEU A 7 0.19 -3.08 9.80
N VAL A 8 -0.68 -2.61 10.70
CA VAL A 8 -1.44 -3.48 11.59
C VAL A 8 -2.85 -3.74 11.08
N VAL A 9 -3.15 -5.00 10.77
CA VAL A 9 -4.45 -5.40 10.24
C VAL A 9 -5.42 -5.91 11.32
N ARG A 10 -6.67 -5.45 11.28
CA ARG A 10 -7.68 -5.89 12.26
C ARG A 10 -8.20 -7.26 11.89
N ASN A 11 -7.91 -8.24 12.73
CA ASN A 11 -8.30 -9.61 12.48
C ASN A 11 -9.78 -9.94 12.56
N ASP A 12 -10.51 -9.33 13.50
CA ASP A 12 -11.93 -9.64 13.65
C ASP A 12 -12.84 -9.18 12.53
N LEU A 13 -12.30 -8.47 11.54
CA LEU A 13 -13.10 -8.02 10.43
C LEU A 13 -13.15 -9.13 9.39
N LYS A 14 -12.21 -10.07 9.50
CA LYS A 14 -12.14 -11.20 8.58
C LYS A 14 -12.07 -10.75 7.12
N MET A 15 -11.21 -9.77 6.84
CA MET A 15 -11.03 -9.27 5.49
C MET A 15 -10.26 -10.27 4.61
N GLY A 16 -10.64 -10.32 3.34
CA GLY A 16 -9.96 -11.22 2.41
C GLY A 16 -8.60 -10.65 2.06
N LYS A 17 -7.75 -11.49 1.48
CA LYS A 17 -6.39 -11.10 1.11
C LYS A 17 -6.31 -9.86 0.22
N GLY A 18 -7.21 -9.75 -0.75
CA GLY A 18 -7.21 -8.59 -1.63
C GLY A 18 -7.59 -7.32 -0.91
N LYS A 19 -8.58 -7.41 -0.03
CA LYS A 19 -9.03 -6.24 0.72
C LYS A 19 -7.90 -5.78 1.66
N VAL A 20 -7.26 -6.73 2.33
CA VAL A 20 -6.16 -6.38 3.22
C VAL A 20 -5.05 -5.66 2.44
N ALA A 21 -4.71 -6.21 1.28
CA ALA A 21 -3.66 -5.61 0.46
C ALA A 21 -4.04 -4.17 0.11
N ALA A 22 -5.31 -3.94 -0.22
CA ALA A 22 -5.78 -2.61 -0.55
C ALA A 22 -5.73 -1.66 0.65
N GLN A 23 -6.21 -2.15 1.79
CA GLN A 23 -6.23 -1.34 3.02
C GLN A 23 -4.80 -1.01 3.44
N CYS A 24 -3.88 -1.96 3.29
CA CYS A 24 -2.50 -1.69 3.65
C CYS A 24 -1.93 -0.61 2.73
N SER A 25 -2.31 -0.64 1.46
CA SER A 25 -1.83 0.34 0.50
C SER A 25 -2.35 1.73 0.85
N HIS A 26 -3.61 1.80 1.29
CA HIS A 26 -4.18 3.09 1.71
C HIS A 26 -3.33 3.64 2.86
N ALA A 27 -3.06 2.80 3.85
CA ALA A 27 -2.27 3.24 5.01
C ALA A 27 -0.87 3.68 4.64
N ALA A 28 -0.21 2.92 3.75
CA ALA A 28 1.14 3.25 3.34
C ALA A 28 1.21 4.60 2.63
N VAL A 29 0.29 4.85 1.69
CA VAL A 29 0.27 6.11 0.97
C VAL A 29 0.00 7.27 1.94
N SER A 30 -0.96 7.07 2.84
N SER A 30 -0.96 7.07 2.84
CA SER A 30 -1.30 8.09 3.83
CA SER A 30 -1.30 8.09 3.83
C SER A 30 -0.09 8.42 4.70
C SER A 30 -0.09 8.42 4.70
N ALA A 31 0.58 7.40 5.21
CA ALA A 31 1.76 7.61 6.06
C ALA A 31 2.87 8.31 5.29
N TYR A 32 3.05 7.93 4.03
CA TYR A 32 4.08 8.54 3.21
C TYR A 32 3.83 10.04 3.10
N LYS A 33 2.59 10.40 2.76
CA LYS A 33 2.22 11.79 2.63
C LYS A 33 2.46 12.54 3.94
N GLN A 34 2.02 11.97 5.06
CA GLN A 34 2.22 12.58 6.38
C GLN A 34 3.68 12.86 6.67
N ILE A 35 4.47 11.78 6.67
CA ILE A 35 5.89 11.83 6.97
C ILE A 35 6.66 12.78 6.02
N GLN A 36 6.22 12.84 4.78
CA GLN A 36 6.85 13.71 3.79
C GLN A 36 6.60 15.16 4.19
N ARG A 37 5.41 15.40 4.72
CA ARG A 37 5.00 16.73 5.14
C ARG A 37 5.47 17.13 6.53
N ARG A 38 5.99 16.18 7.31
CA ARG A 38 6.43 16.49 8.67
C ARG A 38 7.87 16.24 9.03
N ASN A 39 8.49 15.26 8.39
CA ASN A 39 9.88 14.96 8.68
C ASN A 39 10.56 14.41 7.45
N PRO A 40 10.83 15.27 6.45
CA PRO A 40 11.50 14.88 5.21
C PRO A 40 12.74 14.04 5.46
N GLU A 41 13.51 14.40 6.49
CA GLU A 41 14.72 13.66 6.81
C GLU A 41 14.47 12.22 7.20
N MET A 42 13.50 11.99 8.07
CA MET A 42 13.20 10.62 8.49
C MET A 42 12.68 9.87 7.26
N LEU A 43 11.95 10.57 6.39
CA LEU A 43 11.42 9.95 5.17
C LEU A 43 12.61 9.43 4.36
N LYS A 44 13.59 10.31 4.14
CA LYS A 44 14.78 9.94 3.38
C LYS A 44 15.51 8.77 4.01
N GLN A 45 15.61 8.76 5.34
CA GLN A 45 16.28 7.66 6.03
C GLN A 45 15.54 6.34 5.82
N TRP A 46 14.21 6.42 5.79
CA TRP A 46 13.39 5.23 5.58
C TRP A 46 13.62 4.72 4.14
N GLU A 47 13.65 5.63 3.18
CA GLU A 47 13.87 5.24 1.80
C GLU A 47 15.26 4.64 1.60
N TYR A 48 16.25 5.13 2.34
CA TYR A 48 17.61 4.61 2.23
C TYR A 48 17.66 3.16 2.68
N CYS A 49 16.80 2.81 3.63
CA CYS A 49 16.74 1.44 4.14
C CYS A 49 15.91 0.57 3.21
N GLY A 50 15.45 1.16 2.11
CA GLY A 50 14.63 0.43 1.14
C GLY A 50 13.16 0.49 1.52
N GLN A 51 12.78 1.56 2.23
CA GLN A 51 11.40 1.77 2.70
C GLN A 51 10.65 0.49 3.05
N PRO A 52 11.22 -0.32 3.95
CA PRO A 52 10.58 -1.58 4.35
C PRO A 52 9.20 -1.41 5.00
N LYS A 53 8.33 -2.37 4.70
CA LYS A 53 6.97 -2.39 5.23
C LYS A 53 6.65 -3.82 5.64
N VAL A 54 6.17 -4.00 6.87
CA VAL A 54 5.84 -5.32 7.37
C VAL A 54 4.40 -5.31 7.89
N VAL A 55 3.63 -6.32 7.51
CA VAL A 55 2.23 -6.41 7.92
C VAL A 55 2.04 -7.39 9.07
N VAL A 56 1.42 -6.92 10.15
CA VAL A 56 1.16 -7.74 11.32
C VAL A 56 -0.32 -7.71 11.66
N LYS A 57 -0.75 -8.55 12.60
CA LYS A 57 -2.15 -8.64 12.99
C LYS A 57 -2.48 -8.14 14.39
N ALA A 58 -3.70 -7.67 14.56
CA ALA A 58 -4.22 -7.20 15.84
C ALA A 58 -5.59 -7.84 15.92
N PRO A 59 -5.95 -8.39 17.08
CA PRO A 59 -7.26 -9.02 17.22
C PRO A 59 -8.50 -8.16 17.02
N ASP A 60 -8.46 -6.91 17.44
CA ASP A 60 -9.64 -6.07 17.32
C ASP A 60 -9.38 -4.58 17.34
N GLU A 61 -10.45 -3.80 17.27
CA GLU A 61 -10.36 -2.34 17.25
C GLU A 61 -9.75 -1.76 18.52
N GLU A 62 -10.05 -2.36 19.67
CA GLU A 62 -9.49 -1.89 20.94
C GLU A 62 -7.97 -1.95 20.87
N THR A 63 -7.45 -3.03 20.29
CA THR A 63 -6.01 -3.17 20.17
C THR A 63 -5.45 -2.08 19.28
N LEU A 64 -6.10 -1.80 18.16
CA LEU A 64 -5.62 -0.75 17.25
C LEU A 64 -5.50 0.61 17.94
N ILE A 65 -6.50 0.97 18.74
CA ILE A 65 -6.44 2.26 19.41
C ILE A 65 -5.36 2.27 20.49
N ALA A 66 -5.16 1.15 21.17
CA ALA A 66 -4.14 1.06 22.20
C ALA A 66 -2.76 1.20 21.53
N LEU A 67 -2.58 0.57 20.38
CA LEU A 67 -1.32 0.68 19.66
C LEU A 67 -1.07 2.11 19.20
N LEU A 68 -2.14 2.76 18.76
CA LEU A 68 -2.11 4.14 18.30
C LEU A 68 -1.60 5.06 19.41
N ALA A 69 -2.16 4.90 20.60
CA ALA A 69 -1.77 5.71 21.76
C ALA A 69 -0.31 5.47 22.12
N HIS A 70 0.08 4.20 22.17
CA HIS A 70 1.45 3.85 22.51
C HIS A 70 2.41 4.50 21.50
N ALA A 71 2.14 4.30 20.21
CA ALA A 71 2.99 4.87 19.16
C ALA A 71 3.10 6.37 19.30
N LYS A 72 1.97 7.04 19.56
CA LYS A 72 1.97 8.48 19.76
C LYS A 72 2.84 8.85 20.95
N MET A 73 2.77 8.06 22.02
CA MET A 73 3.57 8.36 23.20
C MET A 73 5.05 8.19 22.94
N LEU A 74 5.41 7.53 21.84
CA LEU A 74 6.83 7.37 21.49
C LEU A 74 7.22 8.35 20.39
N GLY A 75 6.30 9.23 20.02
CA GLY A 75 6.59 10.22 19.00
C GLY A 75 6.54 9.71 17.56
N LEU A 76 5.94 8.53 17.37
CA LEU A 76 5.83 7.93 16.03
C LEU A 76 4.62 8.40 15.23
N THR A 77 4.78 8.40 13.92
CA THR A 77 3.71 8.77 13.00
C THR A 77 2.67 7.65 13.01
N VAL A 78 1.39 8.02 12.96
CA VAL A 78 0.31 7.03 12.92
C VAL A 78 -0.70 7.41 11.84
N SER A 79 -1.23 6.39 11.17
CA SER A 79 -2.22 6.57 10.10
C SER A 79 -3.34 5.57 10.36
N LEU A 80 -4.56 6.08 10.49
CA LEU A 80 -5.69 5.21 10.75
C LEU A 80 -6.60 5.24 9.53
N ILE A 81 -6.85 4.06 8.97
CA ILE A 81 -7.69 3.93 7.79
C ILE A 81 -9.05 3.33 8.08
N GLN A 82 -10.10 3.98 7.57
CA GLN A 82 -11.47 3.50 7.72
C GLN A 82 -11.96 3.11 6.34
N ASP A 83 -12.76 2.05 6.29
CA ASP A 83 -13.32 1.54 5.06
C ASP A 83 -14.83 1.43 5.21
N ALA A 84 -15.56 1.63 4.11
CA ALA A 84 -17.01 1.56 4.15
C ALA A 84 -17.52 0.35 3.36
N GLY A 85 -16.58 -0.38 2.75
CA GLY A 85 -16.95 -1.56 1.97
C GLY A 85 -16.64 -1.42 0.49
N ARG A 86 -16.15 -0.25 0.09
CA ARG A 86 -15.80 0.01 -1.31
C ARG A 86 -14.28 0.10 -1.43
N THR A 87 -13.84 0.63 -2.56
CA THR A 87 -12.42 0.75 -2.85
C THR A 87 -11.81 2.03 -2.29
N GLN A 88 -12.64 2.96 -1.87
CA GLN A 88 -12.16 4.24 -1.36
C GLN A 88 -12.09 4.33 0.16
N ILE A 89 -11.21 5.19 0.65
CA ILE A 89 -11.07 5.42 2.08
C ILE A 89 -12.31 6.26 2.44
N ALA A 90 -13.04 5.86 3.47
CA ALA A 90 -14.24 6.57 3.88
C ALA A 90 -14.71 6.10 5.25
N PRO A 91 -15.47 6.96 5.96
CA PRO A 91 -16.00 6.64 7.30
C PRO A 91 -16.64 5.25 7.31
N GLY A 92 -16.34 4.48 8.35
CA GLY A 92 -16.88 3.14 8.47
C GLY A 92 -16.18 2.42 9.60
N SER A 93 -15.56 1.29 9.29
CA SER A 93 -14.85 0.53 10.31
C SER A 93 -13.35 0.75 10.12
N GLN A 94 -12.62 0.82 11.23
CA GLN A 94 -11.17 1.01 11.17
C GLN A 94 -10.61 -0.33 10.69
N THR A 95 -9.83 -0.31 9.62
CA THR A 95 -9.28 -1.54 9.07
C THR A 95 -7.80 -1.77 9.35
N VAL A 96 -7.01 -0.72 9.18
CA VAL A 96 -5.57 -0.81 9.35
C VAL A 96 -4.96 0.39 10.05
N LEU A 97 -3.99 0.13 10.91
CA LEU A 97 -3.27 1.20 11.58
C LEU A 97 -1.84 1.18 11.03
N GLY A 98 -1.40 2.29 10.45
CA GLY A 98 -0.04 2.35 9.96
C GLY A 98 0.80 3.05 11.02
N ILE A 99 1.95 2.48 11.35
CA ILE A 99 2.84 3.08 12.34
C ILE A 99 4.18 3.35 11.66
N GLY A 100 4.61 4.61 11.70
CA GLY A 100 5.86 4.98 11.06
C GLY A 100 5.59 5.63 9.72
N PRO A 101 6.59 5.72 8.83
CA PRO A 101 7.97 5.26 9.00
C PRO A 101 8.64 5.86 10.24
N GLY A 102 9.39 5.04 10.96
CA GLY A 102 10.09 5.53 12.13
C GLY A 102 11.22 4.62 12.55
N PRO A 103 12.02 5.02 13.55
CA PRO A 103 13.14 4.21 14.05
C PRO A 103 12.64 2.80 14.38
N ALA A 104 13.34 1.79 13.87
CA ALA A 104 12.93 0.40 14.10
C ALA A 104 12.85 0.03 15.57
N ASP A 105 13.80 0.53 16.37
CA ASP A 105 13.81 0.21 17.80
C ASP A 105 12.52 0.70 18.49
N LEU A 106 12.08 1.91 18.20
CA LEU A 106 10.88 2.43 18.82
C LEU A 106 9.67 1.65 18.36
N ILE A 107 9.57 1.44 17.04
CA ILE A 107 8.45 0.72 16.47
C ILE A 107 8.28 -0.66 17.10
N ASP A 108 9.38 -1.39 17.29
CA ASP A 108 9.32 -2.72 17.87
C ASP A 108 8.80 -2.73 19.31
N LYS A 109 8.97 -1.62 20.01
CA LYS A 109 8.47 -1.54 21.38
C LYS A 109 6.94 -1.56 21.34
N VAL A 110 6.39 -0.97 20.29
CA VAL A 110 4.93 -0.91 20.14
C VAL A 110 4.30 -2.16 19.52
N THR A 111 4.92 -2.68 18.45
CA THR A 111 4.36 -3.82 17.73
C THR A 111 5.18 -5.12 17.68
N GLY A 112 6.38 -5.10 18.23
CA GLY A 112 7.24 -6.27 18.20
C GLY A 112 6.63 -7.62 18.58
N HIS A 113 5.62 -7.60 19.44
CA HIS A 113 4.98 -8.84 19.90
C HIS A 113 3.86 -9.32 18.99
N LEU A 114 3.45 -8.49 18.03
CA LEU A 114 2.37 -8.87 17.15
C LEU A 114 2.75 -9.95 16.14
N LYS A 115 1.82 -10.86 15.91
CA LYS A 115 2.01 -11.95 14.96
C LYS A 115 1.99 -11.44 13.53
N LEU A 116 2.83 -12.01 12.68
CA LEU A 116 2.91 -11.63 11.28
C LEU A 116 1.67 -12.04 10.53
N TYR A 117 1.29 -11.20 9.58
CA TYR A 117 0.13 -11.49 8.74
C TYR A 117 0.65 -12.33 7.59
N GLU B 2 -14.46 7.43 -10.78
CA GLU B 2 -13.86 8.52 -11.59
C GLU B 2 -12.35 8.39 -11.70
N TYR B 3 -11.72 8.19 -10.55
CA TYR B 3 -10.28 8.03 -10.49
C TYR B 3 -9.97 6.80 -9.66
N LYS B 4 -9.01 6.01 -10.10
CA LYS B 4 -8.64 4.84 -9.34
C LYS B 4 -7.25 4.33 -9.68
N MET B 5 -6.74 3.46 -8.82
CA MET B 5 -5.42 2.88 -8.99
C MET B 5 -5.65 1.38 -8.96
N ILE B 6 -4.97 0.64 -9.83
CA ILE B 6 -5.10 -0.81 -9.86
C ILE B 6 -3.74 -1.39 -9.47
N LEU B 7 -3.76 -2.41 -8.63
CA LEU B 7 -2.53 -3.07 -8.20
C LEU B 7 -2.65 -4.48 -8.75
N VAL B 8 -1.80 -4.81 -9.72
CA VAL B 8 -1.83 -6.10 -10.39
C VAL B 8 -0.80 -7.05 -9.79
N VAL B 9 -1.29 -8.13 -9.18
CA VAL B 9 -0.42 -9.10 -8.53
C VAL B 9 -0.12 -10.30 -9.43
N ARG B 10 1.15 -10.60 -9.61
CA ARG B 10 1.55 -11.74 -10.44
C ARG B 10 1.24 -12.98 -9.62
N ASN B 11 0.27 -13.77 -10.10
CA ASN B 11 -0.20 -14.94 -9.39
C ASN B 11 0.65 -16.22 -9.42
N ASP B 12 1.56 -16.37 -10.38
CA ASP B 12 2.34 -17.59 -10.44
C ASP B 12 3.60 -17.61 -9.57
N LEU B 13 3.74 -16.66 -8.67
CA LEU B 13 4.89 -16.63 -7.79
C LEU B 13 4.47 -17.21 -6.45
N LYS B 14 3.15 -17.33 -6.28
CA LYS B 14 2.57 -17.84 -5.05
C LYS B 14 3.15 -17.17 -3.80
N MET B 15 3.13 -15.85 -3.79
CA MET B 15 3.62 -15.09 -2.65
C MET B 15 2.57 -15.21 -1.54
N GLY B 16 3.01 -15.20 -0.29
CA GLY B 16 2.06 -15.27 0.82
C GLY B 16 1.26 -13.98 0.86
N LYS B 17 0.11 -14.02 1.53
CA LYS B 17 -0.75 -12.84 1.60
C LYS B 17 -0.07 -11.63 2.24
N GLY B 18 0.79 -11.86 3.22
CA GLY B 18 1.50 -10.76 3.86
C GLY B 18 2.47 -10.09 2.90
N LYS B 19 3.14 -10.90 2.10
CA LYS B 19 4.10 -10.36 1.13
C LYS B 19 3.36 -9.57 0.06
N VAL B 20 2.24 -10.11 -0.42
CA VAL B 20 1.45 -9.41 -1.42
C VAL B 20 1.00 -8.05 -0.89
N ALA B 21 0.52 -8.02 0.34
CA ALA B 21 0.08 -6.76 0.91
C ALA B 21 1.24 -5.77 0.94
N ALA B 22 2.42 -6.25 1.32
CA ALA B 22 3.59 -5.40 1.39
C ALA B 22 4.01 -4.92 0.00
N GLN B 23 4.01 -5.84 -0.97
CA GLN B 23 4.40 -5.48 -2.34
C GLN B 23 3.43 -4.47 -2.92
N CYS B 24 2.14 -4.66 -2.70
CA CYS B 24 1.15 -3.73 -3.21
C CYS B 24 1.39 -2.34 -2.61
N SER B 25 1.74 -2.32 -1.33
CA SER B 25 2.01 -1.06 -0.63
C SER B 25 3.20 -0.36 -1.26
N HIS B 26 4.26 -1.11 -1.58
CA HIS B 26 5.42 -0.52 -2.24
C HIS B 26 4.96 0.08 -3.57
N ALA B 27 4.15 -0.68 -4.30
CA ALA B 27 3.66 -0.22 -5.60
C ALA B 27 2.83 1.06 -5.52
N ALA B 28 1.94 1.14 -4.53
CA ALA B 28 1.09 2.32 -4.39
C ALA B 28 1.91 3.55 -4.05
N VAL B 29 2.88 3.40 -3.14
CA VAL B 29 3.72 4.52 -2.78
C VAL B 29 4.50 4.99 -4.01
N SER B 30 5.03 4.03 -4.77
CA SER B 30 5.79 4.34 -5.98
C SER B 30 4.94 5.13 -6.95
N ALA B 31 3.72 4.66 -7.20
CA ALA B 31 2.80 5.34 -8.10
C ALA B 31 2.53 6.74 -7.56
N TYR B 32 2.39 6.86 -6.24
CA TYR B 32 2.13 8.16 -5.63
C TYR B 32 3.25 9.15 -5.94
N LYS B 33 4.49 8.73 -5.69
CA LYS B 33 5.66 9.56 -5.93
C LYS B 33 5.78 10.01 -7.39
N GLN B 34 5.54 9.08 -8.31
CA GLN B 34 5.63 9.38 -9.73
C GLN B 34 4.62 10.41 -10.19
N ILE B 35 3.35 10.17 -9.87
CA ILE B 35 2.32 11.10 -10.30
C ILE B 35 2.40 12.44 -9.59
N GLN B 36 3.06 12.48 -8.44
CA GLN B 36 3.21 13.73 -7.72
C GLN B 36 4.12 14.63 -8.54
N ARG B 37 5.10 14.04 -9.22
CA ARG B 37 6.04 14.80 -10.05
C ARG B 37 5.47 15.23 -11.40
N ARG B 38 4.70 14.35 -12.03
CA ARG B 38 4.14 14.62 -13.35
C ARG B 38 2.72 15.18 -13.43
N ASN B 39 1.86 14.84 -12.48
CA ASN B 39 0.48 15.33 -12.58
C ASN B 39 -0.14 15.54 -11.21
N PRO B 40 0.34 16.53 -10.44
CA PRO B 40 -0.22 16.78 -9.10
C PRO B 40 -1.71 16.99 -9.09
N GLU B 41 -2.21 17.66 -10.12
CA GLU B 41 -3.63 17.94 -10.23
C GLU B 41 -4.42 16.65 -10.32
N MET B 42 -3.89 15.67 -11.06
CA MET B 42 -4.57 14.40 -11.17
C MET B 42 -4.48 13.68 -9.83
N LEU B 43 -3.31 13.74 -9.21
CA LEU B 43 -3.11 13.12 -7.91
C LEU B 43 -4.13 13.69 -6.93
N LYS B 44 -4.39 14.99 -7.01
CA LYS B 44 -5.36 15.61 -6.11
C LYS B 44 -6.78 15.12 -6.31
N GLN B 45 -7.20 14.95 -7.56
CA GLN B 45 -8.55 14.49 -7.81
C GLN B 45 -8.75 13.07 -7.26
N TRP B 46 -7.71 12.26 -7.36
CA TRP B 46 -7.77 10.88 -6.85
C TRP B 46 -7.94 10.93 -5.33
N GLU B 47 -7.10 11.71 -4.66
CA GLU B 47 -7.16 11.84 -3.21
C GLU B 47 -8.54 12.32 -2.75
N TYR B 48 -9.19 13.13 -3.58
CA TYR B 48 -10.51 13.66 -3.25
C TYR B 48 -11.58 12.58 -3.33
N CYS B 49 -11.35 11.59 -4.20
CA CYS B 49 -12.27 10.47 -4.37
C CYS B 49 -12.02 9.43 -3.29
N GLY B 50 -11.09 9.71 -2.38
CA GLY B 50 -10.75 8.76 -1.33
C GLY B 50 -9.69 7.79 -1.82
N GLN B 51 -8.86 8.26 -2.76
CA GLN B 51 -7.78 7.46 -3.36
C GLN B 51 -8.12 5.98 -3.50
N PRO B 52 -9.21 5.66 -4.20
CA PRO B 52 -9.62 4.27 -4.39
C PRO B 52 -8.54 3.38 -5.03
N LYS B 53 -8.46 2.15 -4.53
CA LYS B 53 -7.48 1.18 -5.00
C LYS B 53 -8.15 -0.19 -5.12
N VAL B 54 -7.77 -0.95 -6.15
CA VAL B 54 -8.33 -2.28 -6.37
C VAL B 54 -7.20 -3.26 -6.66
N VAL B 55 -7.22 -4.42 -6.01
CA VAL B 55 -6.16 -5.40 -6.22
C VAL B 55 -6.68 -6.54 -7.10
N VAL B 56 -6.01 -6.77 -8.22
CA VAL B 56 -6.41 -7.80 -9.15
C VAL B 56 -5.22 -8.72 -9.45
N LYS B 57 -5.46 -9.79 -10.21
CA LYS B 57 -4.38 -10.70 -10.52
C LYS B 57 -4.04 -10.89 -11.99
N ALA B 58 -2.79 -11.21 -12.24
CA ALA B 58 -2.28 -11.49 -13.58
C ALA B 58 -1.65 -12.86 -13.40
N PRO B 59 -1.87 -13.78 -14.36
CA PRO B 59 -1.30 -15.11 -14.21
C PRO B 59 0.20 -15.28 -14.36
N ASP B 60 0.87 -14.35 -15.01
CA ASP B 60 2.31 -14.51 -15.23
C ASP B 60 2.98 -13.19 -15.57
N GLU B 61 4.31 -13.20 -15.74
CA GLU B 61 5.04 -11.97 -16.04
C GLU B 61 4.73 -11.38 -17.41
N GLU B 62 4.48 -12.25 -18.39
CA GLU B 62 4.17 -11.78 -19.73
C GLU B 62 2.87 -10.95 -19.72
N THR B 63 1.85 -11.44 -19.04
CA THR B 63 0.59 -10.71 -18.96
C THR B 63 0.85 -9.37 -18.26
N LEU B 64 1.67 -9.40 -17.21
CA LEU B 64 2.00 -8.20 -16.46
C LEU B 64 2.62 -7.14 -17.36
N ILE B 65 3.58 -7.53 -18.20
CA ILE B 65 4.23 -6.59 -19.09
C ILE B 65 3.31 -6.13 -20.22
N ALA B 66 2.41 -7.00 -20.67
CA ALA B 66 1.48 -6.61 -21.73
C ALA B 66 0.55 -5.53 -21.16
N LEU B 67 0.18 -5.67 -19.89
CA LEU B 67 -0.68 -4.69 -19.24
C LEU B 67 0.04 -3.36 -19.13
N LEU B 68 1.32 -3.44 -18.79
CA LEU B 68 2.16 -2.25 -18.66
C LEU B 68 2.24 -1.54 -20.00
N ALA B 69 2.43 -2.30 -21.07
CA ALA B 69 2.49 -1.71 -22.40
C ALA B 69 1.18 -0.98 -22.74
N HIS B 70 0.06 -1.65 -22.50
CA HIS B 70 -1.23 -1.05 -22.79
C HIS B 70 -1.40 0.24 -21.98
N ALA B 71 -1.07 0.18 -20.69
CA ALA B 71 -1.19 1.34 -19.81
C ALA B 71 -0.38 2.53 -20.36
N LYS B 72 0.86 2.29 -20.78
CA LYS B 72 1.69 3.36 -21.32
C LYS B 72 1.07 3.97 -22.58
N MET B 73 0.45 3.13 -23.40
CA MET B 73 -0.17 3.60 -24.63
C MET B 73 -1.22 4.66 -24.32
N LEU B 74 -1.89 4.49 -23.18
CA LEU B 74 -2.93 5.41 -22.78
C LEU B 74 -2.40 6.51 -21.86
N GLY B 75 -1.08 6.62 -21.75
CA GLY B 75 -0.47 7.63 -20.91
C GLY B 75 -0.71 7.49 -19.41
N LEU B 76 -0.99 6.27 -18.95
CA LEU B 76 -1.25 6.03 -17.53
C LEU B 76 0.04 5.75 -16.77
N THR B 77 0.07 6.17 -15.51
CA THR B 77 1.24 5.95 -14.68
C THR B 77 1.42 4.45 -14.43
N VAL B 78 2.66 3.98 -14.52
CA VAL B 78 2.95 2.57 -14.27
C VAL B 78 4.05 2.46 -13.23
N SER B 79 3.95 1.45 -12.37
CA SER B 79 4.93 1.25 -11.31
C SER B 79 5.25 -0.21 -11.15
N LEU B 80 6.50 -0.59 -11.44
CA LEU B 80 6.92 -1.98 -11.31
C LEU B 80 7.64 -2.24 -10.00
N ILE B 81 7.29 -3.35 -9.35
CA ILE B 81 7.90 -3.74 -8.10
C ILE B 81 8.45 -5.14 -8.26
N GLN B 82 9.72 -5.33 -7.91
CA GLN B 82 10.36 -6.64 -8.00
C GLN B 82 10.34 -7.26 -6.61
N ASP B 83 11.00 -8.38 -6.39
CA ASP B 83 10.92 -8.95 -5.06
C ASP B 83 11.49 -8.21 -3.83
N ALA B 84 10.66 -8.25 -2.76
CA ALA B 84 10.80 -7.74 -1.36
C ALA B 84 12.23 -7.27 -0.95
N THR B 87 12.60 -11.39 2.43
CA THR B 87 12.36 -12.81 2.17
C THR B 87 12.31 -13.05 0.68
N GLN B 88 13.05 -12.24 -0.08
CA GLN B 88 13.11 -12.33 -1.54
C GLN B 88 13.43 -13.73 -2.13
N ILE B 89 12.70 -14.22 -3.13
CA ILE B 89 13.11 -15.51 -3.74
C ILE B 89 13.46 -15.42 -5.21
N ALA B 90 13.70 -14.20 -5.69
CA ALA B 90 14.03 -13.92 -7.11
C ALA B 90 13.88 -12.38 -7.39
N PRO B 91 14.89 -11.58 -6.98
CA PRO B 91 15.15 -10.13 -7.01
C PRO B 91 14.99 -9.23 -8.26
N GLY B 92 15.25 -9.71 -9.48
CA GLY B 92 15.04 -8.83 -10.64
C GLY B 92 13.74 -9.09 -11.39
N SER B 93 12.93 -10.02 -10.86
CA SER B 93 11.66 -10.38 -11.49
C SER B 93 10.51 -9.50 -11.00
N GLN B 94 9.54 -9.26 -11.87
CA GLN B 94 8.40 -8.42 -11.51
C GLN B 94 7.42 -9.20 -10.64
N THR B 95 6.88 -8.54 -9.62
CA THR B 95 5.93 -9.19 -8.71
C THR B 95 4.59 -8.46 -8.71
N VAL B 96 4.63 -7.13 -8.79
CA VAL B 96 3.42 -6.34 -8.79
C VAL B 96 3.57 -5.16 -9.75
N LEU B 97 2.47 -4.83 -10.42
CA LEU B 97 2.44 -3.70 -11.34
C LEU B 97 1.35 -2.74 -10.90
N GLY B 98 1.72 -1.49 -10.65
CA GLY B 98 0.71 -0.50 -10.28
C GLY B 98 0.34 0.27 -11.54
N ILE B 99 -0.95 0.54 -11.72
CA ILE B 99 -1.43 1.31 -12.87
C ILE B 99 -2.31 2.42 -12.29
N GLY B 100 -1.97 3.67 -12.60
CA GLY B 100 -2.74 4.78 -12.07
C GLY B 100 -1.93 5.46 -10.97
N PRO B 101 -2.54 6.37 -10.20
CA PRO B 101 -3.94 6.80 -10.27
C PRO B 101 -4.21 7.43 -11.63
N GLY B 102 -5.40 7.18 -12.17
CA GLY B 102 -5.76 7.74 -13.46
C GLY B 102 -7.25 7.68 -13.68
N PRO B 103 -7.76 8.25 -14.79
CA PRO B 103 -9.19 8.23 -15.10
C PRO B 103 -9.71 6.79 -15.09
N ALA B 104 -10.80 6.56 -14.38
CA ALA B 104 -11.38 5.22 -14.27
C ALA B 104 -11.66 4.59 -15.62
N ASP B 105 -12.09 5.40 -16.58
CA ASP B 105 -12.41 4.89 -17.91
C ASP B 105 -11.19 4.32 -18.63
N LEU B 106 -10.08 5.05 -18.63
CA LEU B 106 -8.87 4.56 -19.29
C LEU B 106 -8.35 3.31 -18.57
N ILE B 107 -8.40 3.35 -17.24
CA ILE B 107 -7.95 2.24 -16.40
C ILE B 107 -8.69 0.96 -16.77
N ASP B 108 -10.02 1.01 -16.81
CA ASP B 108 -10.81 -0.17 -17.13
C ASP B 108 -10.53 -0.76 -18.52
N LYS B 109 -10.09 0.07 -19.46
CA LYS B 109 -9.79 -0.44 -20.80
C LYS B 109 -8.60 -1.40 -20.71
N VAL B 110 -7.69 -1.10 -19.80
CA VAL B 110 -6.50 -1.92 -19.61
C VAL B 110 -6.70 -3.12 -18.70
N THR B 111 -7.34 -2.90 -17.56
CA THR B 111 -7.51 -3.94 -16.54
C THR B 111 -8.92 -4.47 -16.24
N GLY B 112 -9.93 -3.95 -16.92
CA GLY B 112 -11.31 -4.37 -16.65
C GLY B 112 -11.64 -5.85 -16.70
N HIS B 113 -10.86 -6.62 -17.46
CA HIS B 113 -11.13 -8.05 -17.58
C HIS B 113 -10.47 -8.91 -16.50
N LEU B 114 -9.51 -8.34 -15.77
CA LEU B 114 -8.79 -9.08 -14.73
C LEU B 114 -9.62 -9.50 -13.53
N LYS B 115 -9.30 -10.66 -12.96
CA LYS B 115 -10.01 -11.17 -11.80
C LYS B 115 -9.49 -10.51 -10.52
N LEU B 116 -10.37 -10.30 -9.55
CA LEU B 116 -9.97 -9.70 -8.29
C LEU B 116 -9.06 -10.67 -7.54
N TYR B 117 -8.08 -10.14 -6.83
CA TYR B 117 -7.16 -10.97 -6.07
C TYR B 117 -7.85 -11.47 -4.80
#